data_6GGR
#
_entry.id   6GGR
#
_cell.length_a   39.392
_cell.length_b   85.833
_cell.length_c   111.869
_cell.angle_alpha   90.00
_cell.angle_beta   90.00
_cell.angle_gamma   90.00
#
_symmetry.space_group_name_H-M   'P 21 21 21'
#
loop_
_entity.id
_entity.type
_entity.pdbx_description
1 polymer 'Transcription factor p65'
2 polymer 'Bacteriophage virulence determinant'
3 non-polymer 'CHLORIDE ION'
4 water water
#
loop_
_entity_poly.entity_id
_entity_poly.type
_entity_poly.pdbx_seq_one_letter_code
_entity_poly.pdbx_strand_id
1 'polypeptide(L)'
;AYVEIIEQPKQRGMRFRYKCEGRSAGSIPGERSTDTTKTHPTIKINGYTGPGTVRISLVTKDPPHRPHPHELVGKDCRDG
YYEADLCPDRSIHSFQNLGIQCVKKRDLEQAISQRIQTNNNPFHVPIEEQRGDYDLNAVRLCFQVTVRDPAGRPLLLTPV
LSHPIFDNRA
;
A
2 'polypeptide(L)'
;GAMSHPHDSKVFPDLPEHQDNPSQLRLQHDGLATDDKARLEPMCLAEYLISGPGGMDPDIEIDDDTYDECREVLSRILED
AYTQSGTFRRLMNYAYDQELHDVEQRWLLGAGENFGTTVTDEDLESSEGRKVIALNLDDTDDDSIPEYYESNDGPQQFDT
TRSFIHQVVHALTHLQDKEDSNPRGPVVEYTNIILKEMGHTSPPRIAYEFSN
;
B
#
# COMPACT_ATOMS: atom_id res chain seq x y z
N ALA A 1 27.22 20.05 -12.66
CA ALA A 1 26.16 19.01 -12.86
C ALA A 1 24.87 19.43 -12.19
N TYR A 2 23.74 18.93 -12.71
CA TYR A 2 22.46 19.25 -12.09
C TYR A 2 21.51 18.09 -12.30
N VAL A 3 20.48 18.06 -11.46
CA VAL A 3 19.44 17.04 -11.50
C VAL A 3 18.27 17.55 -12.31
N GLU A 4 17.66 16.65 -13.08
CA GLU A 4 16.51 16.98 -13.91
C GLU A 4 15.48 15.88 -13.73
N ILE A 5 14.27 16.27 -13.34
CA ILE A 5 13.13 15.35 -13.29
C ILE A 5 12.62 15.18 -14.72
N ILE A 6 12.77 13.98 -15.28
CA ILE A 6 12.25 13.71 -16.62
C ILE A 6 10.93 12.97 -16.59
N GLU A 7 10.55 12.37 -15.47
CA GLU A 7 9.20 11.83 -15.28
C GLU A 7 8.70 12.29 -13.92
N GLN A 8 7.75 13.21 -13.91
CA GLN A 8 7.21 13.70 -12.67
C GLN A 8 6.30 12.63 -12.05
N PRO A 9 6.15 12.64 -10.73
CA PRO A 9 5.09 11.84 -10.12
C PRO A 9 3.74 12.33 -10.61
N LYS A 10 2.80 11.41 -10.78
CA LYS A 10 1.44 11.80 -11.06
C LYS A 10 0.87 12.53 -9.86
N GLN A 11 0.12 13.60 -10.12
CA GLN A 11 -0.34 14.45 -9.03
C GLN A 11 -1.52 13.84 -8.27
N ARG A 12 -2.44 13.19 -8.97
CA ARG A 12 -3.67 12.70 -8.35
C ARG A 12 -3.92 11.26 -8.77
N GLY A 13 -4.74 10.57 -7.97
CA GLY A 13 -5.15 9.21 -8.22
C GLY A 13 -4.65 8.21 -7.20
N MET A 14 -3.63 8.57 -6.42
CA MET A 14 -3.03 7.65 -5.45
C MET A 14 -3.30 8.17 -4.04
N ARG A 15 -3.93 7.34 -3.22
CA ARG A 15 -4.19 7.68 -1.83
C ARG A 15 -2.98 7.40 -0.97
N PHE A 16 -2.67 8.32 -0.06
CA PHE A 16 -1.71 8.02 0.98
C PHE A 16 -2.23 6.86 1.83
N ARG A 17 -1.32 6.05 2.33
CA ARG A 17 -1.70 4.86 3.08
C ARG A 17 -1.42 5.05 4.57
N TYR A 18 -2.00 4.17 5.37
CA TYR A 18 -1.77 4.15 6.79
C TYR A 18 -0.93 2.92 7.14
N LYS A 19 -0.56 2.83 8.42
CA LYS A 19 0.04 1.61 8.96
C LYS A 19 -1.02 0.51 8.99
N CYS A 20 -0.92 -0.44 8.07
CA CYS A 20 -1.88 -1.53 8.01
C CYS A 20 -1.36 -2.55 7.00
N GLU A 21 -2.03 -3.70 6.96
CA GLU A 21 -1.71 -4.73 5.99
C GLU A 21 -2.53 -4.46 4.73
N GLY A 22 -1.84 -4.08 3.65
CA GLY A 22 -2.48 -3.80 2.39
C GLY A 22 -2.36 -4.95 1.41
N ARG A 23 -2.82 -4.69 0.19
CA ARG A 23 -2.75 -5.68 -0.89
C ARG A 23 -1.38 -5.72 -1.55
N SER A 24 -0.60 -4.64 -1.45
CA SER A 24 0.72 -4.57 -2.06
C SER A 24 1.40 -3.32 -1.54
N ALA A 25 2.71 -3.29 -1.69
CA ALA A 25 3.48 -2.08 -1.42
C ALA A 25 3.37 -1.21 -2.67
N GLY A 26 2.52 -0.18 -2.61
CA GLY A 26 2.27 0.62 -3.78
C GLY A 26 3.50 1.38 -4.24
N SER A 27 3.46 1.79 -5.51
CA SER A 27 4.50 2.63 -6.11
C SER A 27 3.83 3.87 -6.68
N ILE A 28 4.36 5.03 -6.34
CA ILE A 28 3.88 6.28 -6.91
C ILE A 28 3.98 6.20 -8.42
N PRO A 29 2.90 6.38 -9.16
CA PRO A 29 3.00 6.36 -10.63
C PRO A 29 3.58 7.66 -11.16
N GLY A 30 4.10 7.56 -12.38
CA GLY A 30 4.56 8.74 -13.08
C GLY A 30 3.44 9.43 -13.84
N GLU A 31 3.72 10.68 -14.21
CA GLU A 31 2.72 11.53 -14.85
C GLU A 31 2.22 10.93 -16.17
N ARG A 32 3.05 10.19 -16.88
CA ARG A 32 2.66 9.63 -18.17
C ARG A 32 1.95 8.28 -18.05
N SER A 33 1.67 7.83 -16.82
CA SER A 33 1.07 6.52 -16.64
C SER A 33 -0.30 6.45 -17.30
N THR A 34 -0.64 5.27 -17.81
CA THR A 34 -1.94 4.97 -18.37
C THR A 34 -2.40 3.61 -17.85
N ASP A 35 -3.60 3.20 -18.27
CA ASP A 35 -4.07 1.85 -18.00
C ASP A 35 -3.25 0.80 -18.75
N THR A 36 -2.49 1.22 -19.77
CA THR A 36 -1.70 0.31 -20.59
C THR A 36 -0.27 0.18 -20.07
N THR A 37 0.35 1.30 -19.72
CA THR A 37 1.76 1.34 -19.31
C THR A 37 1.86 2.28 -18.12
N LYS A 38 2.09 1.72 -16.95
CA LYS A 38 2.39 2.53 -15.78
C LYS A 38 3.85 2.98 -15.82
N THR A 39 4.10 4.20 -15.39
CA THR A 39 5.45 4.74 -15.30
C THR A 39 5.76 5.05 -13.84
N HIS A 40 7.01 5.44 -13.59
CA HIS A 40 7.47 5.77 -12.25
C HIS A 40 8.32 7.03 -12.28
N PRO A 41 8.39 7.76 -11.17
CA PRO A 41 9.20 8.99 -11.16
C PRO A 41 10.65 8.69 -11.52
N THR A 42 11.24 9.58 -12.32
CA THR A 42 12.55 9.33 -12.89
C THR A 42 13.33 10.64 -12.98
N ILE A 43 14.61 10.58 -12.62
CA ILE A 43 15.48 11.75 -12.70
C ILE A 43 16.64 11.43 -13.64
N LYS A 44 17.27 12.50 -14.11
CA LYS A 44 18.45 12.41 -14.96
C LYS A 44 19.51 13.33 -14.39
N ILE A 45 20.75 12.83 -14.29
CA ILE A 45 21.88 13.63 -13.83
C ILE A 45 22.61 14.13 -15.06
N ASN A 46 22.66 15.44 -15.24
CA ASN A 46 23.35 16.05 -16.35
C ASN A 46 24.73 16.52 -15.91
N GLY A 47 25.75 16.20 -16.72
CA GLY A 47 27.09 16.69 -16.48
C GLY A 47 27.93 15.88 -15.51
N TYR A 48 27.43 14.74 -15.03
CA TYR A 48 28.22 13.89 -14.15
C TYR A 48 27.86 12.43 -14.43
N THR A 49 28.88 11.58 -14.37
CA THR A 49 28.71 10.14 -14.41
C THR A 49 29.62 9.52 -13.36
N GLY A 50 29.13 8.47 -12.71
CA GLY A 50 29.91 7.78 -11.70
C GLY A 50 29.11 7.49 -10.46
N PRO A 51 29.78 7.05 -9.40
CA PRO A 51 29.07 6.67 -8.18
C PRO A 51 28.45 7.87 -7.49
N GLY A 52 27.47 7.58 -6.65
CA GLY A 52 26.80 8.63 -5.91
C GLY A 52 25.62 8.09 -5.14
N THR A 53 25.00 9.01 -4.40
CA THR A 53 23.87 8.73 -3.54
C THR A 53 22.70 9.62 -3.95
N VAL A 54 21.48 9.15 -3.71
CA VAL A 54 20.30 9.99 -3.88
C VAL A 54 19.38 9.74 -2.70
N ARG A 55 18.97 10.82 -2.06
CA ARG A 55 17.94 10.79 -1.03
C ARG A 55 16.69 11.46 -1.57
N ILE A 56 15.54 10.86 -1.28
CA ILE A 56 14.25 11.46 -1.62
C ILE A 56 13.48 11.63 -0.32
N SER A 57 13.03 12.85 -0.07
CA SER A 57 12.27 13.16 1.13
C SER A 57 11.01 13.91 0.74
N LEU A 58 10.10 14.04 1.70
CA LEU A 58 8.85 14.76 1.50
C LEU A 58 8.97 16.14 2.14
N VAL A 59 8.54 17.17 1.41
CA VAL A 59 8.52 18.53 1.91
C VAL A 59 7.15 19.12 1.60
N THR A 60 6.85 20.24 2.27
CA THR A 60 5.56 20.88 2.12
C THR A 60 5.38 21.40 0.69
N LYS A 61 4.11 21.64 0.32
CA LYS A 61 3.80 22.11 -1.01
C LYS A 61 4.33 23.53 -1.23
N ASP A 62 4.17 24.42 -0.24
CA ASP A 62 4.52 25.81 -0.41
C ASP A 62 5.82 26.15 0.30
N PRO A 63 6.58 27.13 -0.19
CA PRO A 63 7.77 27.55 0.53
C PRO A 63 7.40 28.35 1.76
N PRO A 64 8.21 28.31 2.82
CA PRO A 64 9.44 27.52 2.97
C PRO A 64 9.13 26.03 3.02
N HIS A 65 9.85 25.24 2.24
CA HIS A 65 9.54 23.82 2.07
C HIS A 65 10.03 23.07 3.29
N ARG A 66 9.20 23.05 4.33
CA ARG A 66 9.52 22.33 5.54
C ARG A 66 9.45 20.83 5.28
N PRO A 67 10.20 20.04 6.04
CA PRO A 67 10.03 18.58 5.94
C PRO A 67 8.63 18.18 6.36
N HIS A 68 7.98 17.36 5.51
CA HIS A 68 6.58 17.04 5.73
C HIS A 68 6.45 15.95 6.80
N PRO A 69 5.41 16.01 7.64
CA PRO A 69 5.22 14.95 8.65
C PRO A 69 4.98 13.56 8.07
N HIS A 70 4.48 13.47 6.83
CA HIS A 70 4.27 12.17 6.21
C HIS A 70 5.60 11.46 5.99
N GLU A 71 5.52 10.17 5.68
CA GLU A 71 6.69 9.34 5.48
C GLU A 71 6.69 8.78 4.07
N LEU A 72 7.87 8.71 3.46
CA LEU A 72 8.09 7.80 2.36
C LEU A 72 8.38 6.42 2.92
N VAL A 73 7.77 5.40 2.32
CA VAL A 73 7.94 4.02 2.74
C VAL A 73 8.16 3.16 1.50
N GLY A 74 8.79 2.02 1.72
CA GLY A 74 9.08 1.07 0.67
C GLY A 74 10.54 0.71 0.65
N LYS A 75 10.95 0.03 -0.41
CA LYS A 75 12.33 -0.41 -0.55
C LYS A 75 13.29 0.76 -0.39
N ASP A 76 14.32 0.55 0.41
CA ASP A 76 15.41 1.50 0.62
C ASP A 76 14.96 2.77 1.36
N CYS A 77 13.80 2.74 2.00
CA CYS A 77 13.33 3.86 2.81
C CYS A 77 13.60 3.60 4.28
N ARG A 78 13.94 4.66 5.01
CA ARG A 78 14.10 4.59 6.45
C ARG A 78 13.78 5.97 7.02
N ASP A 79 13.10 5.98 8.16
CA ASP A 79 12.78 7.21 8.89
C ASP A 79 12.06 8.22 7.99
N GLY A 80 11.28 7.72 7.04
CA GLY A 80 10.42 8.56 6.22
C GLY A 80 11.02 9.09 4.95
N TYR A 81 12.25 8.70 4.61
CA TYR A 81 12.88 9.14 3.38
C TYR A 81 13.53 7.96 2.68
N TYR A 82 13.68 8.08 1.37
CA TYR A 82 14.36 7.10 0.55
C TYR A 82 15.83 7.47 0.44
N GLU A 83 16.70 6.48 0.55
CA GLU A 83 18.12 6.72 0.31
C GLU A 83 18.76 5.45 -0.22
N ALA A 84 19.45 5.60 -1.35
CA ALA A 84 20.10 4.45 -1.97
C ALA A 84 21.24 4.95 -2.85
N ASP A 85 22.13 4.02 -3.19
CA ASP A 85 23.22 4.32 -4.11
C ASP A 85 22.66 4.50 -5.51
N LEU A 86 23.27 5.42 -6.27
CA LEU A 86 22.99 5.53 -7.69
C LEU A 86 23.64 4.39 -8.43
N CYS A 87 22.96 3.89 -9.45
CA CYS A 87 23.63 3.03 -10.40
C CYS A 87 24.83 3.81 -10.94
N PRO A 88 26.06 3.33 -10.76
CA PRO A 88 27.23 4.15 -11.13
C PRO A 88 27.46 4.22 -12.63
N ASP A 89 26.82 3.37 -13.44
CA ASP A 89 27.08 3.31 -14.87
C ASP A 89 25.91 3.86 -15.70
N ARG A 90 25.00 4.59 -15.08
CA ARG A 90 23.88 5.21 -15.78
C ARG A 90 23.69 6.63 -15.26
N SER A 91 23.08 7.46 -16.11
CA SER A 91 22.69 8.81 -15.73
C SER A 91 21.18 8.95 -15.55
N ILE A 92 20.41 7.88 -15.80
CA ILE A 92 18.96 7.86 -15.63
C ILE A 92 18.64 6.96 -14.44
N HIS A 93 17.73 7.41 -13.59
CA HIS A 93 17.41 6.73 -12.33
C HIS A 93 15.91 6.82 -12.07
N SER A 94 15.26 5.66 -12.01
CA SER A 94 13.83 5.55 -11.72
C SER A 94 13.64 5.00 -10.32
N PHE A 95 12.47 5.31 -9.74
CA PHE A 95 12.16 4.93 -8.37
C PHE A 95 10.80 4.25 -8.38
N GLN A 96 10.82 2.91 -8.41
CA GLN A 96 9.64 2.12 -8.69
C GLN A 96 8.95 1.59 -7.44
N ASN A 97 9.38 2.00 -6.26
CA ASN A 97 8.86 1.41 -5.02
C ASN A 97 8.53 2.47 -3.98
N LEU A 98 8.22 3.68 -4.41
CA LEU A 98 7.94 4.78 -3.48
C LEU A 98 6.49 4.73 -3.01
N GLY A 99 6.31 4.81 -1.70
CA GLY A 99 4.98 4.91 -1.12
C GLY A 99 4.92 6.05 -0.13
N ILE A 100 3.74 6.64 -0.02
CA ILE A 100 3.51 7.74 0.91
C ILE A 100 2.58 7.25 2.01
N GLN A 101 3.07 7.30 3.24
CA GLN A 101 2.32 6.90 4.43
C GLN A 101 2.02 8.15 5.24
N CYS A 102 0.74 8.45 5.44
CA CYS A 102 0.37 9.65 6.17
C CYS A 102 0.38 9.39 7.67
N VAL A 103 0.67 10.44 8.42
CA VAL A 103 0.64 10.39 9.87
C VAL A 103 -0.76 10.73 10.35
N LYS A 104 -1.22 10.05 11.39
CA LYS A 104 -2.48 10.44 12.02
C LYS A 104 -2.34 11.84 12.61
N LYS A 105 -3.42 12.63 12.50
CA LYS A 105 -3.35 14.03 12.89
C LYS A 105 -2.84 14.19 14.31
N ARG A 106 -3.10 13.23 15.19
CA ARG A 106 -2.70 13.34 16.58
C ARG A 106 -1.21 13.12 16.80
N ASP A 107 -0.53 12.45 15.87
CA ASP A 107 0.89 12.18 15.98
C ASP A 107 1.75 13.16 15.17
N LEU A 108 1.18 14.31 14.82
CA LEU A 108 1.85 15.25 13.92
C LEU A 108 3.12 15.80 14.55
N GLU A 109 3.04 16.29 15.79
CA GLU A 109 4.22 16.83 16.45
C GLU A 109 5.30 15.76 16.61
N GLN A 110 4.89 14.52 16.86
CA GLN A 110 5.85 13.43 16.98
C GLN A 110 6.61 13.23 15.67
N ALA A 111 5.92 13.27 14.54
CA ALA A 111 6.57 13.11 13.25
C ALA A 111 7.54 14.25 12.98
N ILE A 112 7.12 15.49 13.26
CA ILE A 112 7.98 16.63 12.99
C ILE A 112 9.29 16.50 13.77
N SER A 113 9.22 16.07 15.03
CA SER A 113 10.44 15.92 15.82
C SER A 113 11.34 14.83 15.27
N GLN A 114 10.77 13.79 14.65
CA GLN A 114 11.61 12.78 14.01
C GLN A 114 12.32 13.36 12.79
N ARG A 115 11.62 14.19 12.02
CA ARG A 115 12.28 14.89 10.92
C ARG A 115 13.49 15.67 11.43
N ILE A 116 13.35 16.29 12.60
CA ILE A 116 14.45 17.07 13.16
C ILE A 116 15.55 16.16 13.69
N GLN A 117 15.17 15.13 14.46
CA GLN A 117 16.18 14.24 15.02
C GLN A 117 16.98 13.54 13.93
N THR A 118 16.38 13.24 12.79
CA THR A 118 17.04 12.51 11.73
C THR A 118 17.73 13.40 10.70
N ASN A 119 17.78 14.71 10.95
CA ASN A 119 18.43 15.65 10.04
C ASN A 119 17.82 15.55 8.64
N ASN A 120 16.49 15.40 8.59
CA ASN A 120 15.77 15.34 7.32
C ASN A 120 15.16 16.72 7.08
N ASN A 121 15.98 17.60 6.51
CA ASN A 121 15.60 19.01 6.31
C ASN A 121 16.35 19.55 5.11
N PRO A 122 15.88 19.22 3.90
CA PRO A 122 16.64 19.58 2.68
C PRO A 122 17.03 21.05 2.58
N PHE A 123 16.13 21.96 2.92
CA PHE A 123 16.38 23.39 2.81
C PHE A 123 16.70 24.02 4.16
N HIS A 124 17.10 23.20 5.14
CA HIS A 124 17.61 23.68 6.41
C HIS A 124 16.69 24.76 7.00
N VAL A 125 15.41 24.41 7.08
CA VAL A 125 14.42 25.33 7.63
C VAL A 125 14.55 25.34 9.15
N PRO A 126 14.62 26.52 9.79
CA PRO A 126 14.79 26.57 11.26
C PRO A 126 13.68 25.84 12.00
N ILE A 127 14.01 25.41 13.23
CA ILE A 127 13.02 24.75 14.09
C ILE A 127 11.82 25.67 14.32
N GLU A 128 12.08 26.94 14.67
CA GLU A 128 10.99 27.85 14.96
C GLU A 128 10.01 27.97 13.80
N GLU A 129 10.42 27.54 12.59
CA GLU A 129 9.51 27.52 11.46
C GLU A 129 8.62 26.29 11.44
N GLN A 130 9.08 25.16 11.97
CA GLN A 130 8.40 23.87 11.83
C GLN A 130 7.30 23.67 12.88
N ARG A 131 6.44 24.66 13.07
CA ARG A 131 5.17 24.47 13.73
C ARG A 131 4.12 25.25 12.95
N GLY A 132 2.86 25.03 13.29
CA GLY A 132 1.73 25.57 12.58
C GLY A 132 1.04 24.49 11.78
N ASP A 133 0.07 24.93 10.98
CA ASP A 133 -0.70 23.98 10.18
C ASP A 133 0.19 23.41 9.07
N TYR A 134 0.00 22.12 8.81
CA TYR A 134 0.55 21.47 7.63
C TYR A 134 -0.61 21.01 6.75
N ASP A 135 -0.43 21.14 5.44
CA ASP A 135 -1.40 20.59 4.49
C ASP A 135 -1.11 19.11 4.36
N LEU A 136 -1.86 18.29 5.09
CA LEU A 136 -1.65 16.84 5.04
C LEU A 136 -2.24 16.19 3.80
N ASN A 137 -2.84 16.98 2.89
CA ASN A 137 -3.36 16.47 1.64
C ASN A 137 -2.37 16.58 0.49
N ALA A 138 -1.25 17.27 0.68
CA ALA A 138 -0.33 17.56 -0.41
C ALA A 138 1.11 17.47 0.07
N VAL A 139 1.97 16.92 -0.79
CA VAL A 139 3.41 16.84 -0.54
C VAL A 139 4.15 17.06 -1.85
N ARG A 140 5.44 17.32 -1.72
CA ARG A 140 6.36 17.38 -2.86
C ARG A 140 7.50 16.42 -2.62
N LEU A 141 7.96 15.78 -3.68
CA LEU A 141 9.18 14.98 -3.61
C LEU A 141 10.39 15.91 -3.73
N CYS A 142 11.37 15.70 -2.86
CA CYS A 142 12.61 16.46 -2.91
C CYS A 142 13.76 15.50 -3.20
N PHE A 143 14.36 15.66 -4.38
CA PHE A 143 15.47 14.81 -4.80
C PHE A 143 16.79 15.47 -4.43
N GLN A 144 17.57 14.79 -3.57
CA GLN A 144 18.86 15.29 -3.08
C GLN A 144 19.94 14.33 -3.57
N VAL A 145 20.59 14.67 -4.67
CA VAL A 145 21.60 13.82 -5.29
C VAL A 145 22.98 14.26 -4.82
N THR A 146 23.78 13.30 -4.37
CA THR A 146 25.17 13.52 -4.02
C THR A 146 26.03 12.79 -5.05
N VAL A 147 26.89 13.54 -5.73
CA VAL A 147 27.82 12.97 -6.69
C VAL A 147 29.23 13.09 -6.13
N ARG A 148 30.23 13.12 -7.00
CA ARG A 148 31.63 13.18 -6.59
C ARG A 148 32.32 14.34 -7.30
N ASP A 149 33.25 14.99 -6.62
CA ASP A 149 34.13 15.96 -7.24
C ASP A 149 35.30 15.18 -7.85
N PRO A 150 36.20 15.86 -8.56
CA PRO A 150 37.29 15.14 -9.25
C PRO A 150 38.13 14.27 -8.33
N ALA A 151 38.30 14.64 -7.06
CA ALA A 151 39.08 13.85 -6.12
C ALA A 151 38.27 12.74 -5.47
N GLY A 152 37.00 12.59 -5.81
CA GLY A 152 36.16 11.56 -5.23
C GLY A 152 35.46 11.98 -3.95
N ARG A 153 35.50 13.26 -3.60
CA ARG A 153 34.85 13.71 -2.39
C ARG A 153 33.36 13.95 -2.68
N PRO A 154 32.47 13.64 -1.75
CA PRO A 154 31.04 13.83 -2.02
C PRO A 154 30.73 15.28 -2.32
N LEU A 155 29.87 15.49 -3.33
CA LEU A 155 29.47 16.80 -3.78
C LEU A 155 27.95 16.81 -3.92
N LEU A 156 27.28 17.56 -3.05
CA LEU A 156 25.82 17.62 -3.05
C LEU A 156 25.35 18.58 -4.15
N LEU A 157 24.49 18.08 -5.03
CA LEU A 157 23.92 18.93 -6.06
C LEU A 157 22.71 19.67 -5.52
N THR A 158 22.31 20.72 -6.25
CA THR A 158 21.16 21.50 -5.86
C THR A 158 19.92 20.59 -5.79
N PRO A 159 19.13 20.66 -4.72
CA PRO A 159 17.90 19.87 -4.67
C PRO A 159 16.91 20.30 -5.72
N VAL A 160 16.07 19.35 -6.15
CA VAL A 160 15.00 19.62 -7.10
C VAL A 160 13.69 19.09 -6.52
N LEU A 161 12.64 19.89 -6.62
CA LEU A 161 11.32 19.53 -6.11
C LEU A 161 10.41 19.12 -7.26
N SER A 162 9.59 18.10 -7.01
CA SER A 162 8.60 17.65 -7.97
C SER A 162 7.35 18.49 -7.90
N HIS A 163 6.45 18.26 -8.86
CA HIS A 163 5.09 18.75 -8.74
C HIS A 163 4.47 18.23 -7.44
N PRO A 164 3.43 18.89 -6.95
CA PRO A 164 2.75 18.39 -5.76
C PRO A 164 2.03 17.07 -6.02
N ILE A 165 1.95 16.26 -4.98
CA ILE A 165 1.17 15.02 -4.99
C ILE A 165 0.05 15.17 -3.98
N PHE A 166 -1.18 14.93 -4.42
CA PHE A 166 -2.36 15.16 -3.62
C PHE A 166 -3.02 13.84 -3.23
N ASP A 167 -3.58 13.81 -2.02
CA ASP A 167 -4.28 12.62 -1.52
C ASP A 167 -5.75 12.63 -1.89
N ASN A 168 -6.43 13.75 -1.69
CA ASN A 168 -7.88 13.89 -1.90
C ASN A 168 -8.67 13.24 -0.76
N PHE B 12 -6.54 -29.95 2.18
CA PHE B 12 -7.33 -28.84 1.65
C PHE B 12 -6.85 -28.47 0.26
N PRO B 13 -7.78 -28.13 -0.62
CA PRO B 13 -7.35 -27.78 -1.98
C PRO B 13 -6.26 -26.72 -1.99
N ASP B 14 -5.30 -26.89 -2.90
CA ASP B 14 -4.20 -25.97 -3.07
C ASP B 14 -3.90 -25.83 -4.56
N LEU B 15 -3.00 -24.90 -4.90
CA LEU B 15 -2.69 -24.59 -6.29
C LEU B 15 -1.33 -25.13 -6.70
N PRO B 16 -1.15 -25.51 -7.97
CA PRO B 16 0.20 -25.87 -8.44
C PRO B 16 1.22 -24.76 -8.22
N GLU B 17 0.80 -23.50 -8.34
CA GLU B 17 1.70 -22.38 -8.11
C GLU B 17 2.17 -22.28 -6.67
N HIS B 18 1.59 -23.05 -5.76
CA HIS B 18 1.97 -23.05 -4.35
C HIS B 18 2.74 -24.29 -3.94
N GLN B 19 2.25 -25.48 -4.30
CA GLN B 19 2.68 -26.72 -3.65
C GLN B 19 4.19 -26.89 -3.61
N ASP B 20 4.92 -26.28 -4.52
CA ASP B 20 6.39 -26.27 -4.44
C ASP B 20 6.78 -25.05 -3.62
N ASN B 21 7.29 -25.28 -2.42
CA ASN B 21 7.44 -24.23 -1.41
C ASN B 21 6.08 -23.57 -1.16
N PRO B 22 5.14 -24.29 -0.57
CA PRO B 22 3.89 -23.65 -0.15
C PRO B 22 4.11 -22.83 1.11
N SER B 23 3.20 -21.89 1.34
CA SER B 23 3.24 -21.14 2.58
C SER B 23 3.12 -22.10 3.74
N GLN B 24 3.96 -21.91 4.77
CA GLN B 24 3.88 -22.73 5.96
C GLN B 24 2.96 -22.13 7.02
N LEU B 25 2.63 -20.84 6.92
CA LEU B 25 1.74 -20.20 7.88
C LEU B 25 0.27 -20.49 7.57
N ARG B 26 -0.10 -20.46 6.29
CA ARG B 26 -1.43 -20.87 5.89
C ARG B 26 -1.68 -22.33 6.28
N LEU B 27 -0.72 -23.20 5.97
CA LEU B 27 -0.91 -24.63 6.21
C LEU B 27 -1.22 -24.92 7.67
N GLN B 28 -0.74 -24.08 8.59
CA GLN B 28 -1.02 -24.31 10.00
C GLN B 28 -2.24 -23.55 10.49
N HIS B 29 -2.63 -22.46 9.83
CA HIS B 29 -3.95 -21.90 10.10
C HIS B 29 -5.04 -22.86 9.65
N ASP B 30 -4.80 -23.62 8.57
CA ASP B 30 -5.72 -24.66 8.17
C ASP B 30 -5.91 -25.68 9.30
N GLY B 31 -4.85 -25.95 10.06
CA GLY B 31 -4.98 -26.84 11.21
C GLY B 31 -6.02 -26.37 12.21
N LEU B 32 -6.42 -25.11 12.13
CA LEU B 32 -7.40 -24.54 13.05
C LEU B 32 -8.73 -24.24 12.38
N ALA B 33 -8.72 -23.75 11.13
CA ALA B 33 -9.94 -23.53 10.34
C ALA B 33 -10.21 -24.79 9.54
N THR B 34 -11.10 -25.65 10.04
CA THR B 34 -11.40 -26.92 9.37
C THR B 34 -12.85 -27.09 8.97
N ASP B 35 -13.74 -26.20 9.37
CA ASP B 35 -15.17 -26.35 9.08
C ASP B 35 -15.48 -25.66 7.75
N ASP B 36 -15.50 -26.43 6.67
CA ASP B 36 -15.77 -25.89 5.34
C ASP B 36 -17.25 -25.97 4.97
N LYS B 37 -18.12 -26.20 5.94
CA LYS B 37 -19.53 -26.42 5.65
C LYS B 37 -20.26 -25.09 5.49
N ALA B 38 -21.32 -25.12 4.69
CA ALA B 38 -22.12 -23.92 4.40
C ALA B 38 -23.22 -23.76 5.43
N ARG B 39 -22.80 -23.50 6.67
CA ARG B 39 -23.74 -23.42 7.78
C ARG B 39 -24.17 -22.00 8.12
N LEU B 40 -23.49 -20.98 7.58
CA LEU B 40 -23.92 -19.59 7.72
C LEU B 40 -24.71 -19.17 6.49
N GLU B 41 -25.58 -18.19 6.68
CA GLU B 41 -26.41 -17.69 5.59
C GLU B 41 -25.63 -16.63 4.82
N PRO B 42 -25.34 -16.82 3.53
CA PRO B 42 -24.49 -15.86 2.80
C PRO B 42 -24.94 -14.41 2.88
N MET B 43 -26.25 -14.15 2.75
CA MET B 43 -26.73 -12.78 2.71
C MET B 43 -26.63 -12.07 4.06
N CYS B 44 -26.08 -12.71 5.09
CA CYS B 44 -25.85 -12.07 6.38
C CYS B 44 -24.37 -11.92 6.71
N LEU B 45 -23.47 -12.32 5.80
CA LEU B 45 -22.04 -12.27 6.09
C LEU B 45 -21.56 -10.84 6.27
N ALA B 46 -22.10 -9.90 5.49
CA ALA B 46 -21.70 -8.50 5.62
C ALA B 46 -21.96 -7.98 7.03
N GLU B 47 -23.17 -8.21 7.54
CA GLU B 47 -23.49 -7.81 8.92
C GLU B 47 -22.58 -8.50 9.91
N TYR B 48 -22.20 -9.76 9.64
CA TYR B 48 -21.31 -10.47 10.54
C TYR B 48 -19.91 -9.89 10.55
N LEU B 49 -19.47 -9.33 9.43
CA LEU B 49 -18.11 -8.81 9.33
C LEU B 49 -18.02 -7.32 9.67
N ILE B 50 -19.04 -6.53 9.31
CA ILE B 50 -18.98 -5.08 9.38
C ILE B 50 -19.99 -4.59 10.41
N SER B 51 -19.54 -3.71 11.32
CA SER B 51 -20.44 -3.06 12.26
C SER B 51 -20.95 -1.73 11.74
N GLY B 52 -20.04 -0.87 11.28
CA GLY B 52 -20.40 0.40 10.72
C GLY B 52 -19.23 1.07 10.04
N PRO B 53 -19.44 2.28 9.53
CA PRO B 53 -18.34 3.02 8.90
C PRO B 53 -17.30 3.43 9.93
N GLY B 54 -16.06 3.59 9.45
CA GLY B 54 -14.97 4.01 10.30
C GLY B 54 -13.61 3.79 9.64
N GLY B 55 -12.79 4.84 9.60
CA GLY B 55 -11.55 4.80 8.86
C GLY B 55 -10.34 4.47 9.71
N MET B 56 -9.21 4.27 9.03
CA MET B 56 -7.95 4.04 9.72
C MET B 56 -7.65 5.14 10.73
N ASP B 57 -8.03 6.38 10.42
CA ASP B 57 -7.80 7.50 11.31
C ASP B 57 -9.06 7.80 12.10
N PRO B 58 -9.06 7.71 13.44
CA PRO B 58 -10.27 8.09 14.19
C PRO B 58 -10.78 9.48 13.85
N ASP B 59 -9.89 10.48 13.82
CA ASP B 59 -10.33 11.85 13.57
C ASP B 59 -11.05 11.98 12.25
N ILE B 60 -10.51 11.39 11.19
CA ILE B 60 -11.12 11.48 9.87
C ILE B 60 -12.31 10.53 9.81
N GLU B 61 -13.33 10.93 9.06
CA GLU B 61 -14.61 10.24 9.04
C GLU B 61 -14.97 9.79 7.62
N ILE B 62 -15.77 8.74 7.54
CA ILE B 62 -16.12 8.12 6.26
C ILE B 62 -17.39 8.73 5.73
N ASP B 63 -17.45 8.90 4.40
CA ASP B 63 -18.66 9.37 3.76
C ASP B 63 -19.74 8.30 3.85
N ASP B 64 -20.92 8.70 4.34
CA ASP B 64 -22.03 7.76 4.47
C ASP B 64 -22.45 7.19 3.12
N ASP B 65 -22.25 7.95 2.05
CA ASP B 65 -22.65 7.48 0.72
C ASP B 65 -21.70 6.39 0.21
N THR B 66 -20.40 6.67 0.22
CA THR B 66 -19.44 5.67 -0.25
C THR B 66 -19.49 4.41 0.59
N TYR B 67 -19.91 4.53 1.86
CA TYR B 67 -20.09 3.35 2.70
C TYR B 67 -21.10 2.39 2.08
N ASP B 68 -22.27 2.91 1.71
CA ASP B 68 -23.30 2.05 1.13
C ASP B 68 -22.82 1.44 -0.19
N GLU B 69 -22.10 2.22 -1.00
CA GLU B 69 -21.60 1.70 -2.27
C GLU B 69 -20.62 0.55 -2.04
N CYS B 70 -19.66 0.75 -1.14
CA CYS B 70 -18.66 -0.28 -0.89
C CYS B 70 -19.27 -1.48 -0.17
N ARG B 71 -20.19 -1.25 0.76
CA ARG B 71 -20.81 -2.35 1.50
C ARG B 71 -21.63 -3.22 0.56
N GLU B 72 -22.39 -2.61 -0.36
CA GLU B 72 -23.15 -3.38 -1.33
C GLU B 72 -22.24 -4.29 -2.13
N VAL B 73 -21.12 -3.77 -2.62
CA VAL B 73 -20.16 -4.58 -3.37
C VAL B 73 -19.57 -5.65 -2.47
N LEU B 74 -19.17 -5.27 -1.25
CA LEU B 74 -18.58 -6.23 -0.33
C LEU B 74 -19.55 -7.37 -0.04
N SER B 75 -20.84 -7.05 0.10
CA SER B 75 -21.83 -8.09 0.40
C SER B 75 -21.95 -9.09 -0.75
N ARG B 76 -21.97 -8.61 -1.99
CA ARG B 76 -22.02 -9.52 -3.13
C ARG B 76 -20.84 -10.46 -3.13
N ILE B 77 -19.64 -9.90 -2.96
CA ILE B 77 -18.41 -10.70 -3.04
C ILE B 77 -18.36 -11.72 -1.92
N LEU B 78 -18.72 -11.30 -0.70
CA LEU B 78 -18.79 -12.25 0.41
C LEU B 78 -19.76 -13.37 0.10
N GLU B 79 -20.93 -13.03 -0.42
CA GLU B 79 -21.94 -14.03 -0.75
C GLU B 79 -21.40 -15.02 -1.80
N ASP B 80 -20.80 -14.50 -2.87
CA ASP B 80 -20.26 -15.37 -3.91
C ASP B 80 -19.14 -16.25 -3.36
N ALA B 81 -18.24 -15.67 -2.56
CA ALA B 81 -17.12 -16.44 -2.05
C ALA B 81 -17.58 -17.58 -1.13
N TYR B 82 -18.60 -17.32 -0.31
CA TYR B 82 -19.07 -18.36 0.61
C TYR B 82 -19.82 -19.45 -0.13
N THR B 83 -20.61 -19.09 -1.14
CA THR B 83 -21.36 -20.10 -1.89
C THR B 83 -20.45 -20.94 -2.76
N GLN B 84 -19.30 -20.40 -3.19
CA GLN B 84 -18.49 -21.02 -4.23
C GLN B 84 -17.18 -21.61 -3.72
N SER B 85 -16.64 -21.09 -2.62
CA SER B 85 -15.37 -21.53 -2.12
C SER B 85 -15.38 -22.18 -0.77
N GLY B 86 -15.04 -23.44 -0.74
CA GLY B 86 -14.94 -24.13 0.54
C GLY B 86 -13.78 -23.65 1.38
N THR B 87 -12.70 -23.21 0.74
CA THR B 87 -11.59 -22.62 1.50
C THR B 87 -12.04 -21.36 2.22
N PHE B 88 -12.80 -20.51 1.54
CA PHE B 88 -13.29 -19.29 2.18
C PHE B 88 -14.30 -19.59 3.27
N ARG B 89 -15.12 -20.62 3.07
CA ARG B 89 -16.06 -21.02 4.12
C ARG B 89 -15.32 -21.40 5.40
N ARG B 90 -14.12 -21.97 5.28
CA ARG B 90 -13.35 -22.33 6.47
C ARG B 90 -12.89 -21.09 7.22
N LEU B 91 -12.28 -20.14 6.52
CA LEU B 91 -11.83 -18.92 7.18
C LEU B 91 -13.01 -18.17 7.80
N MET B 92 -14.10 -18.01 7.03
CA MET B 92 -15.25 -17.28 7.53
C MET B 92 -15.89 -18.00 8.72
N ASN B 93 -16.12 -19.30 8.58
CA ASN B 93 -16.74 -20.07 9.67
C ASN B 93 -15.93 -19.93 10.95
N TYR B 94 -14.62 -20.23 10.88
CA TYR B 94 -13.77 -20.09 12.04
C TYR B 94 -13.90 -18.69 12.64
N ALA B 95 -13.71 -17.66 11.81
CA ALA B 95 -13.78 -16.30 12.31
C ALA B 95 -15.13 -16.00 12.96
N TYR B 96 -16.22 -16.57 12.42
CA TYR B 96 -17.51 -16.36 13.03
C TYR B 96 -17.56 -16.90 14.45
N ASP B 97 -17.00 -18.10 14.66
CA ASP B 97 -17.05 -18.71 15.99
C ASP B 97 -16.25 -17.92 17.00
N GLN B 98 -15.13 -17.32 16.57
CA GLN B 98 -14.24 -16.64 17.52
C GLN B 98 -14.75 -15.24 17.87
N GLU B 99 -15.16 -14.47 16.87
CA GLU B 99 -15.40 -13.05 17.07
C GLU B 99 -16.66 -12.56 16.38
N LEU B 100 -16.85 -12.94 15.15
CA LEU B 100 -17.89 -12.25 14.41
C LEU B 100 -19.27 -12.50 14.97
N HIS B 101 -19.44 -13.58 15.69
CA HIS B 101 -20.77 -13.78 16.25
C HIS B 101 -21.10 -12.68 17.24
N ASP B 102 -20.08 -12.08 17.85
CA ASP B 102 -20.26 -11.00 18.81
C ASP B 102 -20.47 -9.69 18.07
N VAL B 103 -21.61 -9.05 18.30
CA VAL B 103 -21.95 -7.82 17.61
C VAL B 103 -20.95 -6.71 17.90
N GLU B 104 -20.17 -6.84 18.97
CA GLU B 104 -19.19 -5.82 19.35
C GLU B 104 -17.75 -6.26 19.10
N GLN B 105 -17.60 -7.33 18.34
CA GLN B 105 -16.29 -7.73 17.84
C GLN B 105 -16.10 -7.53 16.27
N ARG B 106 -17.03 -6.83 15.64
CA ARG B 106 -17.05 -6.62 14.18
C ARG B 106 -16.05 -5.51 13.71
N TRP B 107 -15.87 -5.35 12.39
CA TRP B 107 -14.83 -4.44 11.85
C TRP B 107 -15.46 -3.19 11.33
N LEU B 108 -14.70 -2.10 11.40
CA LEU B 108 -15.12 -0.86 10.76
C LEU B 108 -14.77 -0.91 9.28
N LEU B 109 -15.71 -0.48 8.44
CA LEU B 109 -15.48 -0.43 7.00
C LEU B 109 -15.01 0.98 6.64
N GLY B 110 -13.72 1.10 6.35
CA GLY B 110 -13.17 2.37 5.88
C GLY B 110 -13.41 2.57 4.40
N ALA B 111 -14.67 2.75 4.03
CA ALA B 111 -15.04 2.81 2.61
C ALA B 111 -14.39 4.01 1.93
N GLY B 112 -13.93 3.79 0.70
CA GLY B 112 -13.29 4.84 -0.05
C GLY B 112 -11.86 5.13 0.36
N GLU B 113 -11.28 4.34 1.25
CA GLU B 113 -9.92 4.53 1.71
C GLU B 113 -8.99 3.50 1.06
N ASN B 114 -7.69 3.76 1.18
CA ASN B 114 -6.69 2.86 0.61
C ASN B 114 -6.88 1.46 1.17
N PHE B 115 -6.76 0.46 0.30
CA PHE B 115 -6.94 -0.93 0.71
C PHE B 115 -6.04 -1.27 1.89
N GLY B 116 -6.65 -1.77 2.96
CA GLY B 116 -5.88 -2.15 4.13
C GLY B 116 -6.80 -2.66 5.23
N THR B 117 -6.17 -3.34 6.19
CA THR B 117 -6.88 -3.83 7.36
C THR B 117 -5.92 -3.87 8.53
N THR B 118 -6.43 -3.56 9.72
CA THR B 118 -5.61 -3.50 10.92
C THR B 118 -5.42 -4.91 11.48
N VAL B 119 -4.16 -5.36 11.51
CA VAL B 119 -3.81 -6.71 11.95
C VAL B 119 -2.90 -6.68 13.18
N THR B 120 -1.82 -5.93 13.11
CA THR B 120 -0.87 -5.87 14.22
C THR B 120 -1.48 -5.17 15.43
N ARG B 130 -9.11 -1.00 18.11
CA ARG B 130 -9.92 -0.57 16.98
C ARG B 130 -9.56 -1.36 15.72
N LYS B 131 -10.57 -1.99 15.10
CA LYS B 131 -10.41 -2.87 13.96
C LYS B 131 -11.05 -2.22 12.74
N VAL B 132 -10.29 -2.10 11.65
CA VAL B 132 -10.75 -1.45 10.44
C VAL B 132 -10.44 -2.30 9.22
N ILE B 133 -11.36 -2.28 8.25
CA ILE B 133 -11.16 -2.87 6.94
C ILE B 133 -11.38 -1.74 5.94
N ALA B 134 -10.32 -1.34 5.24
CA ALA B 134 -10.37 -0.23 4.29
C ALA B 134 -10.54 -0.78 2.88
N LEU B 135 -11.61 -0.35 2.21
CA LEU B 135 -11.90 -0.79 0.85
C LEU B 135 -12.34 0.41 0.02
N ASN B 136 -12.10 0.34 -1.28
CA ASN B 136 -12.53 1.38 -2.20
C ASN B 136 -12.83 0.76 -3.55
N LEU B 137 -13.54 1.52 -4.39
CA LEU B 137 -13.92 1.07 -5.73
C LEU B 137 -13.11 1.79 -6.81
N ASP B 138 -11.89 2.22 -6.47
CA ASP B 138 -11.04 2.90 -7.44
C ASP B 138 -10.45 1.94 -8.47
N ASP B 139 -10.47 0.63 -8.20
CA ASP B 139 -10.04 -0.35 -9.18
C ASP B 139 -10.85 -0.24 -10.47
N THR B 140 -12.05 0.34 -10.41
CA THR B 140 -12.88 0.57 -11.57
C THR B 140 -12.87 2.03 -12.00
N ASP B 141 -11.91 2.83 -11.51
CA ASP B 141 -11.88 4.26 -11.71
C ASP B 141 -10.75 4.61 -12.68
N ASP B 142 -11.09 5.21 -13.81
CA ASP B 142 -10.08 5.63 -14.79
C ASP B 142 -9.02 6.53 -14.17
N ASP B 143 -9.45 7.48 -13.33
CA ASP B 143 -8.53 8.51 -12.82
C ASP B 143 -7.43 7.92 -11.95
N SER B 144 -7.61 6.70 -11.46
CA SER B 144 -6.53 5.98 -10.79
C SER B 144 -5.75 5.15 -11.81
N ILE B 145 -4.46 4.98 -11.54
CA ILE B 145 -3.64 4.10 -12.35
C ILE B 145 -3.81 2.69 -11.79
N PRO B 146 -3.94 1.67 -12.62
CA PRO B 146 -4.02 0.31 -12.08
C PRO B 146 -2.80 -0.02 -11.24
N GLU B 147 -3.01 -0.87 -10.24
CA GLU B 147 -1.91 -1.47 -9.49
C GLU B 147 -1.81 -2.93 -9.89
N TYR B 148 -0.60 -3.43 -9.89
CA TYR B 148 -0.26 -4.72 -10.43
C TYR B 148 0.29 -5.76 -9.46
N TYR B 149 0.05 -7.00 -9.77
CA TYR B 149 0.70 -8.07 -9.03
C TYR B 149 1.42 -9.00 -10.00
N GLU B 150 2.36 -9.77 -9.48
CA GLU B 150 3.20 -10.62 -10.32
C GLU B 150 2.57 -11.99 -10.52
N SER B 151 2.62 -12.48 -11.76
CA SER B 151 2.11 -13.80 -12.11
C SER B 151 3.02 -14.42 -13.15
N ASN B 152 2.74 -15.67 -13.49
CA ASN B 152 3.50 -16.35 -14.54
C ASN B 152 3.16 -15.83 -15.92
N ASP B 153 2.02 -15.15 -16.07
CA ASP B 153 1.61 -14.56 -17.34
C ASP B 153 1.98 -13.09 -17.43
N GLY B 154 2.91 -12.62 -16.61
CA GLY B 154 3.26 -11.23 -16.56
C GLY B 154 2.42 -10.46 -15.56
N PRO B 155 2.67 -9.15 -15.46
CA PRO B 155 1.94 -8.35 -14.47
C PRO B 155 0.45 -8.33 -14.74
N GLN B 156 -0.33 -8.54 -13.68
CA GLN B 156 -1.78 -8.54 -13.73
C GLN B 156 -2.31 -7.36 -12.93
N GLN B 157 -3.36 -6.73 -13.44
CA GLN B 157 -4.02 -5.67 -12.69
C GLN B 157 -4.79 -6.26 -11.52
N PHE B 158 -4.71 -5.59 -10.37
CA PHE B 158 -5.63 -5.89 -9.29
C PHE B 158 -7.06 -5.54 -9.73
N ASP B 159 -8.00 -6.41 -9.41
CA ASP B 159 -9.41 -6.13 -9.62
C ASP B 159 -10.13 -6.14 -8.27
N THR B 160 -11.38 -5.67 -8.29
CA THR B 160 -12.13 -5.51 -7.05
C THR B 160 -12.19 -6.81 -6.26
N THR B 161 -12.51 -7.91 -6.94
CA THR B 161 -12.66 -9.19 -6.25
C THR B 161 -11.39 -9.56 -5.49
N ARG B 162 -10.25 -9.58 -6.19
CA ARG B 162 -8.98 -9.93 -5.53
C ARG B 162 -8.68 -8.98 -4.39
N SER B 163 -8.83 -7.67 -4.61
CA SER B 163 -8.50 -6.70 -3.56
C SER B 163 -9.40 -6.87 -2.35
N PHE B 164 -10.70 -7.05 -2.58
CA PHE B 164 -11.64 -7.23 -1.48
C PHE B 164 -11.33 -8.50 -0.70
N ILE B 165 -11.11 -9.61 -1.42
CA ILE B 165 -10.85 -10.89 -0.76
C ILE B 165 -9.52 -10.82 -0.01
N HIS B 166 -8.52 -10.20 -0.60
CA HIS B 166 -7.22 -10.08 0.06
C HIS B 166 -7.36 -9.38 1.41
N GLN B 167 -8.07 -8.24 1.43
CA GLN B 167 -8.22 -7.51 2.69
C GLN B 167 -9.09 -8.28 3.67
N VAL B 168 -10.15 -8.95 3.18
CA VAL B 168 -10.99 -9.73 4.07
C VAL B 168 -10.20 -10.90 4.65
N VAL B 169 -9.35 -11.54 3.84
CA VAL B 169 -8.57 -12.65 4.35
C VAL B 169 -7.69 -12.20 5.50
N HIS B 170 -7.13 -10.98 5.41
CA HIS B 170 -6.38 -10.43 6.52
C HIS B 170 -7.24 -10.41 7.78
N ALA B 171 -8.49 -9.97 7.65
CA ALA B 171 -9.35 -9.76 8.81
C ALA B 171 -9.89 -11.06 9.39
N LEU B 172 -9.97 -12.13 8.59
CA LEU B 172 -10.48 -13.40 9.09
C LEU B 172 -9.38 -14.30 9.65
N THR B 173 -8.12 -14.06 9.28
CA THR B 173 -7.00 -14.86 9.76
C THR B 173 -6.05 -14.11 10.67
N HIS B 174 -6.10 -12.78 10.69
CA HIS B 174 -5.20 -11.94 11.48
C HIS B 174 -3.74 -12.18 11.10
N LEU B 175 -3.48 -12.65 9.88
CA LEU B 175 -2.14 -12.91 9.41
C LEU B 175 -1.65 -11.78 8.51
N GLN B 176 -0.33 -11.71 8.36
CA GLN B 176 0.32 -10.70 7.54
C GLN B 176 0.88 -11.31 6.27
N ASP B 177 1.21 -10.44 5.35
CA ASP B 177 1.81 -10.91 4.11
C ASP B 177 3.26 -11.32 4.30
N LYS B 178 3.93 -10.76 5.30
CA LYS B 178 5.34 -11.05 5.55
C LYS B 178 5.49 -12.48 6.07
N GLU B 179 6.05 -13.35 5.24
CA GLU B 179 6.43 -14.69 5.69
C GLU B 179 7.89 -14.92 5.30
N ASP B 180 8.74 -15.07 6.30
CA ASP B 180 10.10 -15.55 6.11
C ASP B 180 10.15 -16.74 5.15
N SER B 181 10.96 -16.60 4.09
CA SER B 181 11.27 -17.69 3.17
C SER B 181 10.08 -18.14 2.32
N ASN B 182 9.02 -17.35 2.22
CA ASN B 182 7.94 -17.62 1.28
C ASN B 182 7.69 -16.35 0.47
N PRO B 183 7.71 -16.42 -0.87
CA PRO B 183 7.58 -15.19 -1.67
C PRO B 183 6.16 -14.62 -1.70
N ARG B 184 5.15 -15.35 -1.24
CA ARG B 184 3.77 -14.90 -1.31
C ARG B 184 3.18 -14.58 0.05
N GLY B 185 3.39 -15.44 1.05
CA GLY B 185 2.77 -15.27 2.34
C GLY B 185 1.41 -15.94 2.39
N PRO B 186 0.82 -16.03 3.59
CA PRO B 186 -0.43 -16.78 3.74
C PRO B 186 -1.64 -16.10 3.09
N VAL B 187 -1.70 -14.77 3.09
CA VAL B 187 -2.89 -14.09 2.58
C VAL B 187 -2.98 -14.20 1.07
N VAL B 188 -1.85 -14.04 0.38
CA VAL B 188 -1.83 -14.21 -1.07
C VAL B 188 -2.27 -15.63 -1.44
N GLU B 189 -1.69 -16.62 -0.78
CA GLU B 189 -2.00 -18.01 -1.13
C GLU B 189 -3.47 -18.30 -0.91
N TYR B 190 -4.00 -17.92 0.25
CA TYR B 190 -5.44 -18.03 0.49
C TYR B 190 -6.24 -17.33 -0.60
N THR B 191 -5.86 -16.09 -0.92
CA THR B 191 -6.59 -15.33 -1.92
C THR B 191 -6.55 -16.03 -3.28
N ASN B 192 -5.37 -16.53 -3.68
CA ASN B 192 -5.26 -17.27 -4.94
C ASN B 192 -6.23 -18.45 -4.97
N ILE B 193 -6.28 -19.22 -3.87
CA ILE B 193 -7.09 -20.44 -3.86
C ILE B 193 -8.58 -20.09 -3.87
N ILE B 194 -8.98 -19.13 -3.05
CA ILE B 194 -10.38 -18.73 -2.99
C ILE B 194 -10.87 -18.26 -4.36
N LEU B 195 -10.09 -17.40 -5.01
CA LEU B 195 -10.51 -16.86 -6.30
C LEU B 195 -10.65 -17.97 -7.34
N LYS B 196 -9.71 -18.92 -7.38
CA LYS B 196 -9.86 -20.04 -8.30
C LYS B 196 -11.08 -20.88 -7.95
N GLU B 197 -11.35 -21.06 -6.66
CA GLU B 197 -12.55 -21.77 -6.25
C GLU B 197 -13.82 -21.01 -6.63
N MET B 198 -13.73 -19.70 -6.79
CA MET B 198 -14.86 -18.87 -7.21
C MET B 198 -15.03 -18.82 -8.73
N GLY B 199 -14.15 -19.46 -9.48
CA GLY B 199 -14.19 -19.33 -10.92
C GLY B 199 -13.61 -18.04 -11.44
N HIS B 200 -12.79 -17.37 -10.64
CA HIS B 200 -12.11 -16.16 -11.08
C HIS B 200 -10.95 -16.52 -12.00
N THR B 201 -10.94 -15.92 -13.19
CA THR B 201 -10.01 -16.29 -14.26
C THR B 201 -8.59 -15.76 -14.05
N SER B 202 -8.41 -14.74 -13.22
CA SER B 202 -7.12 -14.09 -13.12
C SER B 202 -6.03 -15.12 -12.80
N PRO B 203 -4.83 -14.98 -13.38
CA PRO B 203 -3.75 -15.89 -13.00
C PRO B 203 -3.41 -15.72 -11.54
N PRO B 204 -2.99 -16.80 -10.86
CA PRO B 204 -2.64 -16.66 -9.45
C PRO B 204 -1.40 -15.82 -9.26
N ARG B 205 -1.33 -15.19 -8.09
CA ARG B 205 -0.25 -14.27 -7.75
C ARG B 205 0.93 -15.06 -7.20
N ILE B 206 2.04 -15.08 -7.95
CA ILE B 206 3.18 -15.92 -7.61
C ILE B 206 4.12 -15.27 -6.60
N ALA B 207 4.00 -13.95 -6.38
CA ALA B 207 4.87 -13.26 -5.44
C ALA B 207 4.14 -12.02 -4.95
N TYR B 208 4.44 -11.63 -3.71
CA TYR B 208 3.83 -10.44 -3.14
C TYR B 208 4.45 -9.17 -3.75
N GLU B 209 5.76 -9.13 -3.88
CA GLU B 209 6.46 -8.01 -4.50
C GLU B 209 7.04 -8.43 -5.84
N PHE B 210 7.36 -7.43 -6.65
CA PHE B 210 7.90 -7.68 -7.99
C PHE B 210 9.37 -8.08 -7.91
N SER B 211 9.88 -8.58 -9.03
CA SER B 211 11.30 -8.84 -9.18
C SER B 211 11.69 -8.86 -10.67
#